data_4WND
#
_entry.id   4WND
#
_cell.length_a   45.487
_cell.length_b   64.786
_cell.length_c   69.118
_cell.angle_alpha   90.000
_cell.angle_beta   102.330
_cell.angle_gamma   90.000
#
_symmetry.space_group_name_H-M   'P 1 21 1'
#
loop_
_entity.id
_entity.type
_entity.pdbx_description
1 polymer 'G-protein-signaling modulator 2'
2 polymer 'FERM and PDZ domain-containing protein 4'
3 non-polymer 'THIOCYANATE ION'
4 non-polymer DI(HYDROXYETHYL)ETHER
5 non-polymer 'TRIETHYLENE GLYCOL'
6 non-polymer 1,2-ETHANEDIOL
7 water water
#
loop_
_entity_poly.entity_id
_entity_poly.type
_entity_poly.pdbx_seq_one_letter_code
_entity_poly.pdbx_strand_id
1 'polypeptide(L)'
;GPGSMEASCLELALEGERLCKSGDCRAGVSFFEAAVQVGTEDLKTLSAIYSQLGNAYFYLHDYAKALEYHHHDLTLARTI
GDQLGEAKASGNLGNTLKVLGNFDEAIVCCQRHLDISRELNDKVGEARALYNLGNVYHAKGKSFGCPGPQDVGEFPEEVR
DALQAAVDFYEENLSLVTALGDRAAQGRAFGNLGNTHYLLGNFRDAVIAHEQRLLIAKEFGDKAAERRAYSNLGNAYIFL
GEFETASEYYKKTLLLARQLKDRAVEAQSCYSLGNTYTLLQDYEKAIDYHLKHLAIAQELNDRIGEGRACWSLGNAYTAL
GNHDQAMHFAEKHLEISREVGDKSGELTARLNLSDLQMVLGLSYSTNNSIMSENTEIDSSLNGVRPKLGRRHSMENMELM
KLTPEK
;
A
2 'polypeptide(L)' GPLGSDLPPKVVPSKQLLHSDHMEMEPETMETKSVTDYFSKLHMGSVAYSCTS B
#
loop_
_chem_comp.id
_chem_comp.type
_chem_comp.name
_chem_comp.formula
EDO non-polymer 1,2-ETHANEDIOL 'C2 H6 O2'
PEG non-polymer DI(HYDROXYETHYL)ETHER 'C4 H10 O3'
PGE non-polymer 'TRIETHYLENE GLYCOL' 'C6 H14 O4'
SCN non-polymer 'THIOCYANATE ION' 'C N S -1'
#
# COMPACT_ATOMS: atom_id res chain seq x y z
N MET A 5 -4.56 -37.82 17.24
CA MET A 5 -4.27 -36.36 17.12
C MET A 5 -3.78 -35.82 18.48
N GLU A 6 -2.63 -35.14 18.47
CA GLU A 6 -2.06 -34.56 19.69
CA GLU A 6 -2.07 -34.57 19.70
C GLU A 6 -2.61 -33.14 19.97
N ALA A 7 -3.02 -32.43 18.91
CA ALA A 7 -3.72 -31.12 19.07
C ALA A 7 -5.07 -31.12 18.30
N SER A 8 -6.09 -30.46 18.87
CA SER A 8 -7.39 -30.33 18.21
C SER A 8 -7.37 -29.26 17.08
N CYS A 9 -8.39 -29.29 16.26
CA CYS A 9 -8.60 -28.29 15.22
C CYS A 9 -8.54 -26.87 15.83
N LEU A 10 -9.33 -26.64 16.86
CA LEU A 10 -9.37 -25.33 17.51
CA LEU A 10 -9.36 -25.32 17.53
C LEU A 10 -7.99 -24.94 18.06
N GLU A 11 -7.31 -25.88 18.75
CA GLU A 11 -6.00 -25.58 19.32
CA GLU A 11 -6.00 -25.62 19.32
C GLU A 11 -5.00 -25.18 18.24
N LEU A 12 -5.00 -25.90 17.14
CA LEU A 12 -4.10 -25.58 16.08
C LEU A 12 -4.40 -24.23 15.43
N ALA A 13 -5.69 -23.95 15.23
CA ALA A 13 -6.09 -22.69 14.66
C ALA A 13 -5.70 -21.51 15.53
N LEU A 14 -5.87 -21.66 16.84
CA LEU A 14 -5.50 -20.60 17.77
C LEU A 14 -4.00 -20.31 17.70
N GLU A 15 -3.19 -21.35 17.60
CA GLU A 15 -1.76 -21.13 17.47
C GLU A 15 -1.43 -20.44 16.16
N GLY A 16 -2.11 -20.81 15.10
CA GLY A 16 -1.91 -20.11 13.85
C GLY A 16 -2.22 -18.64 13.92
N GLU A 17 -3.32 -18.31 14.62
CA GLU A 17 -3.72 -16.92 14.81
C GLU A 17 -2.66 -16.16 15.52
N ARG A 18 -2.15 -16.73 16.59
CA ARG A 18 -1.10 -16.07 17.36
C ARG A 18 0.17 -15.86 16.56
N LEU A 19 0.58 -16.88 15.82
CA LEU A 19 1.80 -16.78 15.00
C LEU A 19 1.67 -15.71 13.94
N CYS A 20 0.52 -15.66 13.29
CA CYS A 20 0.32 -14.63 12.30
C CYS A 20 0.36 -13.26 12.94
N LYS A 21 -0.30 -13.08 14.08
CA LYS A 21 -0.32 -11.78 14.76
C LYS A 21 1.11 -11.37 15.12
N SER A 22 1.92 -12.35 15.44
CA SER A 22 3.33 -12.10 15.84
C SER A 22 4.23 -11.76 14.67
N GLY A 23 3.69 -11.82 13.44
CA GLY A 23 4.47 -11.53 12.25
C GLY A 23 5.08 -12.71 11.53
N ASP A 24 4.73 -13.94 11.93
CA ASP A 24 5.25 -15.13 11.30
C ASP A 24 4.13 -15.87 10.59
N CYS A 25 3.71 -15.31 9.45
CA CYS A 25 2.63 -15.92 8.68
C CYS A 25 3.02 -17.28 8.12
N ARG A 26 4.32 -17.49 7.85
CA ARG A 26 4.77 -18.78 7.36
CA ARG A 26 4.76 -18.77 7.35
C ARG A 26 4.48 -19.89 8.36
N ALA A 27 4.84 -19.66 9.62
CA ALA A 27 4.55 -20.63 10.66
C ALA A 27 3.05 -20.73 10.90
N GLY A 28 2.37 -19.60 10.85
CA GLY A 28 0.92 -19.59 11.04
C GLY A 28 0.20 -20.45 10.03
N VAL A 29 0.57 -20.31 8.76
CA VAL A 29 0.01 -21.14 7.69
C VAL A 29 0.11 -22.64 8.02
N SER A 30 1.25 -23.05 8.55
CA SER A 30 1.43 -24.44 8.89
C SER A 30 0.39 -24.91 9.89
N PHE A 31 0.14 -24.07 10.88
CA PHE A 31 -0.85 -24.42 11.90
C PHE A 31 -2.28 -24.40 11.39
N PHE A 32 -2.60 -23.44 10.53
CA PHE A 32 -3.93 -23.42 9.93
C PHE A 32 -4.18 -24.60 9.01
N GLU A 33 -3.15 -24.94 8.22
N GLU A 33 -3.17 -24.96 8.22
CA GLU A 33 -3.22 -26.09 7.32
CA GLU A 33 -3.30 -26.12 7.35
C GLU A 33 -3.32 -27.40 8.13
C GLU A 33 -3.40 -27.39 8.18
N ALA A 34 -2.66 -27.45 9.28
CA ALA A 34 -2.82 -28.56 10.19
C ALA A 34 -4.25 -28.61 10.72
N ALA A 35 -4.77 -27.47 11.11
CA ALA A 35 -6.15 -27.42 11.57
C ALA A 35 -7.18 -27.91 10.48
N VAL A 36 -6.97 -27.49 9.26
CA VAL A 36 -7.85 -27.87 8.15
C VAL A 36 -7.71 -29.39 7.94
N GLN A 37 -6.49 -29.90 8.09
CA GLN A 37 -6.23 -31.34 7.93
C GLN A 37 -7.02 -32.18 8.94
N VAL A 38 -6.93 -31.79 10.21
CA VAL A 38 -7.67 -32.42 11.30
C VAL A 38 -9.16 -32.27 10.97
N GLY A 39 -9.56 -31.05 10.59
CA GLY A 39 -10.93 -30.76 10.25
C GLY A 39 -11.84 -30.54 11.46
N THR A 40 -13.05 -30.08 11.17
CA THR A 40 -14.08 -29.89 12.17
C THR A 40 -15.44 -29.86 11.48
N GLU A 41 -16.49 -30.17 12.22
CA GLU A 41 -17.84 -30.06 11.69
C GLU A 41 -18.47 -28.72 12.01
N ASP A 42 -17.76 -27.88 12.82
CA ASP A 42 -18.24 -26.57 13.15
CA ASP A 42 -18.26 -26.56 13.14
C ASP A 42 -17.92 -25.62 12.01
N LEU A 43 -18.94 -25.27 11.24
CA LEU A 43 -18.72 -24.57 10.01
C LEU A 43 -18.29 -23.11 10.23
N LYS A 44 -18.73 -22.51 11.33
CA LYS A 44 -18.28 -21.14 11.67
C LYS A 44 -16.77 -21.13 11.96
N THR A 45 -16.31 -22.11 12.76
CA THR A 45 -14.92 -22.24 13.03
C THR A 45 -14.13 -22.49 11.72
N LEU A 46 -14.63 -23.37 10.86
CA LEU A 46 -13.97 -23.68 9.61
C LEU A 46 -13.83 -22.42 8.75
N SER A 47 -14.91 -21.65 8.68
CA SER A 47 -14.86 -20.38 7.91
CA SER A 47 -14.92 -20.35 7.97
C SER A 47 -13.83 -19.41 8.47
N ALA A 48 -13.73 -19.31 9.79
CA ALA A 48 -12.69 -18.46 10.37
C ALA A 48 -11.27 -18.91 10.02
N ILE A 49 -11.06 -20.23 10.01
CA ILE A 49 -9.77 -20.80 9.61
C ILE A 49 -9.45 -20.48 8.15
N TYR A 50 -10.44 -20.66 7.29
CA TYR A 50 -10.22 -20.37 5.88
C TYR A 50 -9.88 -18.89 5.65
N SER A 51 -10.62 -18.03 6.34
CA SER A 51 -10.38 -16.58 6.24
C SER A 51 -8.95 -16.23 6.65
N GLN A 52 -8.52 -16.78 7.77
CA GLN A 52 -7.20 -16.47 8.25
CA GLN A 52 -7.18 -16.50 8.28
C GLN A 52 -6.12 -17.07 7.36
N LEU A 53 -6.36 -18.24 6.81
CA LEU A 53 -5.41 -18.88 5.87
C LEU A 53 -5.36 -18.04 4.57
N GLY A 54 -6.53 -17.56 4.11
CA GLY A 54 -6.55 -16.69 2.96
C GLY A 54 -5.72 -15.43 3.20
N ASN A 55 -5.88 -14.79 4.35
CA ASN A 55 -5.09 -13.59 4.65
C ASN A 55 -3.61 -13.90 4.79
N ALA A 56 -3.28 -15.02 5.40
CA ALA A 56 -1.87 -15.38 5.56
C ALA A 56 -1.22 -15.58 4.20
N TYR A 57 -1.90 -16.27 3.28
CA TYR A 57 -1.37 -16.45 1.94
C TYR A 57 -1.28 -15.13 1.19
N PHE A 58 -2.27 -14.25 1.37
CA PHE A 58 -2.23 -12.89 0.82
C PHE A 58 -0.92 -12.19 1.23
N TYR A 59 -0.63 -12.23 2.51
CA TYR A 59 0.58 -11.59 3.03
C TYR A 59 1.87 -12.27 2.60
N LEU A 60 1.81 -13.53 2.26
CA LEU A 60 2.96 -14.26 1.71
C LEU A 60 3.02 -14.17 0.18
N HIS A 61 2.13 -13.33 -0.39
CA HIS A 61 2.05 -13.07 -1.84
C HIS A 61 1.67 -14.26 -2.68
N ASP A 62 0.95 -15.23 -2.10
CA ASP A 62 0.37 -16.27 -2.87
C ASP A 62 -1.10 -15.93 -3.07
N TYR A 63 -1.34 -15.05 -4.04
CA TYR A 63 -2.67 -14.47 -4.23
C TYR A 63 -3.66 -15.50 -4.77
N ALA A 64 -3.18 -16.48 -5.54
CA ALA A 64 -4.05 -17.54 -6.00
C ALA A 64 -4.64 -18.37 -4.85
N LYS A 65 -3.80 -18.71 -3.89
CA LYS A 65 -4.27 -19.47 -2.76
C LYS A 65 -5.14 -18.59 -1.87
N ALA A 66 -4.78 -17.31 -1.74
CA ALA A 66 -5.60 -16.38 -0.97
C ALA A 66 -7.02 -16.39 -1.54
N LEU A 67 -7.15 -16.29 -2.88
CA LEU A 67 -8.45 -16.27 -3.51
C LEU A 67 -9.21 -17.57 -3.22
N GLU A 68 -8.49 -18.70 -3.30
CA GLU A 68 -9.14 -19.99 -3.07
CA GLU A 68 -9.08 -20.03 -3.05
C GLU A 68 -9.71 -20.09 -1.65
N TYR A 69 -8.94 -19.64 -0.67
CA TYR A 69 -9.41 -19.77 0.69
C TYR A 69 -10.48 -18.75 1.06
N HIS A 70 -10.37 -17.54 0.53
CA HIS A 70 -11.45 -16.59 0.73
C HIS A 70 -12.74 -17.03 0.06
N HIS A 71 -12.65 -17.71 -1.08
CA HIS A 71 -13.83 -18.31 -1.71
CA HIS A 71 -13.84 -18.27 -1.69
C HIS A 71 -14.45 -19.42 -0.87
N HIS A 72 -13.61 -20.26 -0.29
CA HIS A 72 -14.08 -21.32 0.61
CA HIS A 72 -14.17 -21.30 0.56
C HIS A 72 -14.84 -20.70 1.80
N ASP A 73 -14.26 -19.63 2.36
CA ASP A 73 -14.92 -18.89 3.43
C ASP A 73 -16.27 -18.33 2.99
N LEU A 74 -16.30 -17.66 1.85
CA LEU A 74 -17.58 -17.10 1.31
C LEU A 74 -18.66 -18.16 1.19
N THR A 75 -18.26 -19.33 0.70
CA THR A 75 -19.20 -20.43 0.50
C THR A 75 -19.83 -20.84 1.82
N LEU A 76 -19.01 -21.01 2.84
CA LEU A 76 -19.53 -21.40 4.14
C LEU A 76 -20.32 -20.30 4.77
N ALA A 77 -19.87 -19.05 4.69
CA ALA A 77 -20.58 -17.98 5.33
C ALA A 77 -22.00 -17.88 4.77
N ARG A 78 -22.13 -18.09 3.48
CA ARG A 78 -23.45 -18.02 2.83
C ARG A 78 -24.33 -19.19 3.31
N THR A 79 -23.77 -20.38 3.38
CA THR A 79 -24.60 -21.55 3.69
CA THR A 79 -24.60 -21.55 3.70
C THR A 79 -25.13 -21.50 5.13
N ILE A 80 -24.38 -20.88 6.05
CA ILE A 80 -24.81 -20.81 7.44
C ILE A 80 -25.55 -19.51 7.74
N GLY A 81 -25.65 -18.64 6.73
CA GLY A 81 -26.36 -17.37 6.89
C GLY A 81 -25.66 -16.36 7.77
N ASP A 82 -24.34 -16.38 7.77
CA ASP A 82 -23.54 -15.46 8.57
C ASP A 82 -23.30 -14.20 7.70
N GLN A 83 -24.16 -13.20 7.85
CA GLN A 83 -24.11 -12.06 6.97
C GLN A 83 -22.82 -11.26 7.14
N LEU A 84 -22.42 -11.04 8.38
CA LEU A 84 -21.17 -10.31 8.63
C LEU A 84 -20.00 -11.09 8.04
N GLY A 85 -20.04 -12.40 8.22
CA GLY A 85 -18.99 -13.25 7.71
C GLY A 85 -18.92 -13.21 6.18
N GLU A 86 -20.07 -13.13 5.53
CA GLU A 86 -20.12 -13.07 4.09
C GLU A 86 -19.55 -11.71 3.64
N ALA A 87 -19.93 -10.66 4.33
CA ALA A 87 -19.41 -9.32 4.00
C ALA A 87 -17.89 -9.29 4.04
N LYS A 88 -17.35 -9.92 5.09
CA LYS A 88 -15.90 -9.92 5.29
C LYS A 88 -15.19 -10.73 4.20
N ALA A 89 -15.74 -11.92 3.88
CA ALA A 89 -15.19 -12.74 2.84
C ALA A 89 -15.20 -12.02 1.49
N SER A 90 -16.30 -11.32 1.20
CA SER A 90 -16.42 -10.57 -0.03
C SER A 90 -15.38 -9.42 -0.09
N GLY A 91 -15.20 -8.72 1.01
CA GLY A 91 -14.18 -7.66 1.06
C GLY A 91 -12.78 -8.22 0.87
N ASN A 92 -12.51 -9.39 1.46
CA ASN A 92 -11.22 -10.03 1.28
C ASN A 92 -10.96 -10.52 -0.16
N LEU A 93 -12.00 -11.08 -0.78
CA LEU A 93 -11.93 -11.42 -2.19
C LEU A 93 -11.63 -10.17 -3.03
N GLY A 94 -12.31 -9.08 -2.71
CA GLY A 94 -12.10 -7.82 -3.47
C GLY A 94 -10.68 -7.35 -3.36
N ASN A 95 -10.13 -7.34 -2.14
CA ASN A 95 -8.78 -6.83 -1.97
C ASN A 95 -7.75 -7.72 -2.61
N THR A 96 -8.02 -9.03 -2.64
CA THR A 96 -7.15 -9.98 -3.33
C THR A 96 -7.22 -9.78 -4.86
N LEU A 97 -8.43 -9.64 -5.39
CA LEU A 97 -8.63 -9.35 -6.80
C LEU A 97 -7.96 -8.07 -7.22
N LYS A 98 -7.97 -7.06 -6.33
CA LYS A 98 -7.29 -5.78 -6.61
CA LYS A 98 -7.30 -5.79 -6.64
C LYS A 98 -5.81 -6.02 -6.92
N VAL A 99 -5.15 -6.75 -6.05
CA VAL A 99 -3.72 -6.96 -6.21
CA VAL A 99 -3.71 -7.01 -6.21
C VAL A 99 -3.42 -7.78 -7.47
N LEU A 100 -4.34 -8.65 -7.87
CA LEU A 100 -4.21 -9.47 -9.08
C LEU A 100 -4.49 -8.66 -10.37
N GLY A 101 -4.99 -7.45 -10.23
CA GLY A 101 -5.33 -6.62 -11.40
C GLY A 101 -6.73 -6.79 -11.94
N ASN A 102 -7.56 -7.55 -11.24
CA ASN A 102 -8.93 -7.78 -11.60
CA ASN A 102 -8.93 -7.78 -11.61
C ASN A 102 -9.77 -6.72 -10.93
N PHE A 103 -9.58 -5.48 -11.39
CA PHE A 103 -10.20 -4.34 -10.69
C PHE A 103 -11.71 -4.33 -10.75
N ASP A 104 -12.28 -4.61 -11.91
CA ASP A 104 -13.70 -4.49 -12.02
C ASP A 104 -14.41 -5.55 -11.16
N GLU A 105 -13.83 -6.77 -11.09
CA GLU A 105 -14.34 -7.79 -10.18
CA GLU A 105 -14.32 -7.80 -10.18
C GLU A 105 -14.12 -7.38 -8.71
N ALA A 106 -12.98 -6.76 -8.43
CA ALA A 106 -12.72 -6.23 -7.07
C ALA A 106 -13.73 -5.23 -6.63
N ILE A 107 -14.16 -4.37 -7.56
CA ILE A 107 -15.18 -3.39 -7.27
C ILE A 107 -16.49 -4.05 -6.86
N VAL A 108 -16.91 -5.06 -7.59
CA VAL A 108 -18.13 -5.75 -7.24
C VAL A 108 -18.04 -6.40 -5.86
N CYS A 109 -16.91 -7.03 -5.58
CA CYS A 109 -16.75 -7.72 -4.29
C CYS A 109 -16.69 -6.71 -3.13
N CYS A 110 -15.99 -5.62 -3.35
CA CYS A 110 -15.84 -4.64 -2.30
C CYS A 110 -17.14 -3.88 -2.09
N GLN A 111 -17.91 -3.71 -3.17
CA GLN A 111 -19.23 -3.09 -3.06
C GLN A 111 -20.20 -4.01 -2.33
N ARG A 112 -20.04 -5.32 -2.50
CA ARG A 112 -20.85 -6.27 -1.76
C ARG A 112 -20.59 -6.16 -0.24
N HIS A 113 -19.32 -6.08 0.13
CA HIS A 113 -18.96 -5.83 1.53
C HIS A 113 -19.63 -4.54 2.06
N LEU A 114 -19.57 -3.49 1.25
CA LEU A 114 -20.21 -2.22 1.61
C LEU A 114 -21.73 -2.38 1.74
N ASP A 115 -22.36 -3.03 0.78
CA ASP A 115 -23.82 -3.19 0.78
C ASP A 115 -24.28 -3.97 2.02
N ILE A 116 -23.59 -5.08 2.32
CA ILE A 116 -24.03 -5.89 3.46
C ILE A 116 -23.77 -5.10 4.74
N SER A 117 -22.66 -4.37 4.80
CA SER A 117 -22.34 -3.59 6.02
C SER A 117 -23.45 -2.61 6.33
N ARG A 118 -23.94 -1.96 5.27
CA ARG A 118 -25.04 -1.00 5.41
C ARG A 118 -26.31 -1.72 5.85
N GLU A 119 -26.60 -2.87 5.24
CA GLU A 119 -27.78 -3.66 5.62
CA GLU A 119 -27.78 -3.68 5.63
C GLU A 119 -27.75 -4.00 7.14
N LEU A 120 -26.55 -4.27 7.67
CA LEU A 120 -26.35 -4.64 9.05
C LEU A 120 -26.18 -3.44 10.00
N ASN A 121 -26.23 -2.22 9.45
CA ASN A 121 -25.92 -1.01 10.21
CA ASN A 121 -25.94 -1.02 10.21
C ASN A 121 -24.55 -1.07 10.89
N ASP A 122 -23.60 -1.67 10.17
CA ASP A 122 -22.24 -1.81 10.65
C ASP A 122 -21.41 -0.70 10.06
N LYS A 123 -21.31 0.42 10.77
CA LYS A 123 -20.60 1.57 10.23
C LYS A 123 -19.09 1.35 10.12
N VAL A 124 -18.52 0.51 10.98
CA VAL A 124 -17.08 0.28 10.95
C VAL A 124 -16.76 -0.48 9.65
N GLY A 125 -17.54 -1.53 9.37
CA GLY A 125 -17.41 -2.30 8.13
C GLY A 125 -17.66 -1.43 6.91
N GLU A 126 -18.70 -0.60 6.96
CA GLU A 126 -19.00 0.33 5.88
C GLU A 126 -17.79 1.23 5.59
N ALA A 127 -17.20 1.84 6.63
CA ALA A 127 -16.06 2.69 6.43
C ALA A 127 -14.89 1.92 5.79
N ARG A 128 -14.63 0.72 6.30
CA ARG A 128 -13.53 -0.05 5.76
C ARG A 128 -13.77 -0.38 4.30
N ALA A 129 -15.00 -0.73 3.96
CA ALA A 129 -15.30 -1.00 2.54
C ALA A 129 -15.11 0.22 1.64
N LEU A 130 -15.47 1.40 2.15
CA LEU A 130 -15.29 2.64 1.38
C LEU A 130 -13.82 2.90 1.10
N TYR A 131 -12.97 2.74 2.13
CA TYR A 131 -11.52 2.83 1.95
C TYR A 131 -11.01 1.82 0.91
N ASN A 132 -11.48 0.57 1.01
CA ASN A 132 -11.09 -0.41 0.05
C ASN A 132 -11.48 -0.05 -1.39
N LEU A 133 -12.69 0.48 -1.57
CA LEU A 133 -13.15 0.92 -2.89
C LEU A 133 -12.32 2.08 -3.42
N GLY A 134 -11.93 3.01 -2.55
CA GLY A 134 -11.03 4.04 -2.98
C GLY A 134 -9.71 3.45 -3.48
N ASN A 135 -9.17 2.49 -2.72
CA ASN A 135 -7.94 1.85 -3.11
C ASN A 135 -8.04 1.09 -4.42
N VAL A 136 -9.15 0.40 -4.64
CA VAL A 136 -9.32 -0.31 -5.93
C VAL A 136 -9.32 0.70 -7.09
N TYR A 137 -10.07 1.79 -6.92
CA TYR A 137 -10.18 2.78 -8.01
C TYR A 137 -8.84 3.51 -8.25
N HIS A 138 -8.08 3.77 -7.18
CA HIS A 138 -6.78 4.37 -7.30
C HIS A 138 -5.87 3.47 -8.14
N ALA A 139 -5.80 2.19 -7.80
CA ALA A 139 -4.95 1.26 -8.54
C ALA A 139 -5.47 1.03 -9.95
N LYS A 140 -6.80 0.99 -10.12
CA LYS A 140 -7.42 0.90 -11.45
CA LYS A 140 -7.37 0.89 -11.46
C LYS A 140 -6.96 2.07 -12.32
N GLY A 141 -7.01 3.27 -11.77
CA GLY A 141 -6.64 4.46 -12.51
C GLY A 141 -5.20 4.39 -12.99
N LYS A 142 -4.30 3.94 -12.11
CA LYS A 142 -2.90 3.81 -12.47
CA LYS A 142 -2.88 3.77 -12.44
C LYS A 142 -2.66 2.73 -13.56
N SER A 143 -3.53 1.72 -13.62
CA SER A 143 -3.35 0.60 -14.59
C SER A 143 -3.58 1.04 -16.03
N PHE A 144 -4.19 2.20 -16.22
CA PHE A 144 -4.50 2.71 -17.58
C PHE A 144 -3.47 3.72 -18.07
N GLY A 145 -2.34 3.80 -17.36
CA GLY A 145 -1.21 4.63 -17.81
C GLY A 145 -1.44 6.06 -17.41
N CYS A 146 -1.18 6.35 -16.14
CA CYS A 146 -1.65 7.59 -15.52
C CYS A 146 -1.29 8.87 -16.31
N PHE A 155 -4.13 13.40 -20.76
CA PHE A 155 -4.64 12.71 -19.58
C PHE A 155 -5.86 11.83 -19.94
N PRO A 156 -5.65 10.50 -20.07
CA PRO A 156 -6.74 9.66 -20.59
C PRO A 156 -7.96 9.67 -19.68
N GLU A 157 -9.13 9.57 -20.29
CA GLU A 157 -10.39 9.62 -19.58
C GLU A 157 -10.54 8.45 -18.60
N GLU A 158 -10.04 7.27 -18.99
CA GLU A 158 -10.14 6.09 -18.11
C GLU A 158 -9.37 6.32 -16.81
N VAL A 159 -8.22 6.96 -16.91
CA VAL A 159 -7.43 7.32 -15.73
C VAL A 159 -8.20 8.33 -14.90
N ARG A 160 -8.62 9.43 -15.50
CA ARG A 160 -9.30 10.51 -14.76
C ARG A 160 -10.56 9.99 -14.05
N ASP A 161 -11.36 9.21 -14.76
CA ASP A 161 -12.60 8.74 -14.19
C ASP A 161 -12.33 7.84 -12.97
N ALA A 162 -11.36 6.94 -13.06
CA ALA A 162 -11.08 6.01 -11.95
C ALA A 162 -10.53 6.79 -10.76
N LEU A 163 -9.62 7.71 -11.02
CA LEU A 163 -9.03 8.50 -9.93
C LEU A 163 -10.07 9.40 -9.27
N GLN A 164 -10.97 9.98 -10.05
CA GLN A 164 -12.03 10.75 -9.46
C GLN A 164 -12.96 9.90 -8.59
N ALA A 165 -13.26 8.68 -9.04
CA ALA A 165 -14.05 7.79 -8.26
C ALA A 165 -13.32 7.49 -6.93
N ALA A 166 -12.01 7.33 -7.02
CA ALA A 166 -11.19 7.11 -5.79
C ALA A 166 -11.32 8.28 -4.82
N VAL A 167 -11.23 9.51 -5.36
CA VAL A 167 -11.44 10.69 -4.50
C VAL A 167 -12.78 10.64 -3.79
N ASP A 168 -13.84 10.31 -4.53
CA ASP A 168 -15.15 10.26 -3.98
C ASP A 168 -15.24 9.22 -2.85
N PHE A 169 -14.67 8.05 -3.06
CA PHE A 169 -14.70 7.01 -2.01
C PHE A 169 -13.87 7.40 -0.81
N TYR A 170 -12.70 7.99 -1.02
CA TYR A 170 -11.89 8.41 0.11
C TYR A 170 -12.59 9.51 0.91
N GLU A 171 -13.25 10.45 0.23
CA GLU A 171 -13.98 11.50 0.92
CA GLU A 171 -13.99 11.51 0.90
C GLU A 171 -15.16 10.95 1.70
N GLU A 172 -15.85 9.96 1.16
CA GLU A 172 -16.95 9.31 1.88
C GLU A 172 -16.41 8.56 3.09
N ASN A 173 -15.29 7.85 2.89
CA ASN A 173 -14.65 7.20 4.04
C ASN A 173 -14.28 8.21 5.13
N LEU A 174 -13.70 9.34 4.72
CA LEU A 174 -13.23 10.33 5.70
CA LEU A 174 -13.27 10.39 5.66
C LEU A 174 -14.43 10.89 6.48
N SER A 175 -15.54 11.14 5.82
CA SER A 175 -16.76 11.59 6.54
CA SER A 175 -16.73 11.62 6.55
C SER A 175 -17.19 10.59 7.58
N LEU A 176 -17.19 9.31 7.21
CA LEU A 176 -17.68 8.29 8.13
C LEU A 176 -16.71 8.05 9.26
N VAL A 177 -15.41 8.04 9.00
CA VAL A 177 -14.48 7.83 10.12
C VAL A 177 -14.34 9.09 10.99
N THR A 178 -14.72 10.25 10.45
CA THR A 178 -14.89 11.46 11.27
C THR A 178 -16.09 11.28 12.21
N ALA A 179 -17.20 10.80 11.69
CA ALA A 179 -18.36 10.46 12.55
C ALA A 179 -18.01 9.45 13.63
N LEU A 180 -17.18 8.44 13.28
CA LEU A 180 -16.82 7.38 14.23
C LEU A 180 -15.73 7.81 15.19
N GLY A 181 -15.13 8.97 14.96
CA GLY A 181 -14.05 9.48 15.81
C GLY A 181 -12.78 8.64 15.74
N ASP A 182 -12.54 8.02 14.59
CA ASP A 182 -11.37 7.13 14.37
C ASP A 182 -10.28 7.96 13.72
N ARG A 183 -9.49 8.64 14.54
CA ARG A 183 -8.53 9.64 14.10
C ARG A 183 -7.43 9.00 13.29
N ALA A 184 -7.02 7.79 13.67
CA ALA A 184 -5.93 7.14 12.93
C ALA A 184 -6.42 6.80 11.51
N ALA A 185 -7.68 6.32 11.39
CA ALA A 185 -8.30 6.02 10.08
C ALA A 185 -8.47 7.31 9.25
N GLN A 186 -8.78 8.44 9.89
CA GLN A 186 -8.80 9.70 9.15
CA GLN A 186 -8.79 9.75 9.19
C GLN A 186 -7.43 9.99 8.54
N GLY A 187 -6.36 9.78 9.32
CA GLY A 187 -5.02 9.97 8.77
C GLY A 187 -4.74 9.15 7.53
N ARG A 188 -5.17 7.89 7.52
CA ARG A 188 -4.92 7.02 6.40
C ARG A 188 -5.70 7.51 5.17
N ALA A 189 -6.95 7.87 5.40
CA ALA A 189 -7.77 8.44 4.29
C ALA A 189 -7.09 9.66 3.71
N PHE A 190 -6.61 10.56 4.55
CA PHE A 190 -5.98 11.76 4.05
C PHE A 190 -4.77 11.45 3.17
N GLY A 191 -3.97 10.46 3.58
CA GLY A 191 -2.78 10.12 2.80
C GLY A 191 -3.09 9.65 1.39
N ASN A 192 -4.02 8.72 1.29
CA ASN A 192 -4.37 8.15 0.01
C ASN A 192 -5.14 9.15 -0.83
N LEU A 193 -5.94 9.95 -0.17
CA LEU A 193 -6.65 11.05 -0.84
C LEU A 193 -5.67 12.04 -1.40
N GLY A 194 -4.69 12.45 -0.60
CA GLY A 194 -3.65 13.35 -1.08
C GLY A 194 -2.93 12.82 -2.30
N ASN A 195 -2.55 11.55 -2.30
CA ASN A 195 -1.81 11.01 -3.42
C ASN A 195 -2.68 10.81 -4.65
N THR A 196 -3.98 10.66 -4.45
CA THR A 196 -4.93 10.66 -5.60
C THR A 196 -5.04 12.05 -6.20
N HIS A 197 -5.21 13.08 -5.38
CA HIS A 197 -5.19 14.46 -5.87
C HIS A 197 -3.88 14.73 -6.60
N TYR A 198 -2.76 14.24 -6.06
CA TYR A 198 -1.45 14.42 -6.70
C TYR A 198 -1.44 13.88 -8.12
N LEU A 199 -1.93 12.65 -8.31
CA LEU A 199 -1.97 12.03 -9.65
C LEU A 199 -2.89 12.80 -10.59
N LEU A 200 -3.96 13.38 -10.05
CA LEU A 200 -4.91 14.17 -10.85
C LEU A 200 -4.35 15.54 -11.22
N GLY A 201 -3.22 15.92 -10.61
CA GLY A 201 -2.66 17.27 -10.81
C GLY A 201 -3.25 18.34 -9.92
N ASN A 202 -4.00 17.96 -8.88
CA ASN A 202 -4.59 18.89 -7.94
C ASN A 202 -3.61 19.07 -6.79
N PHE A 203 -2.50 19.74 -7.07
CA PHE A 203 -1.37 19.75 -6.13
C PHE A 203 -1.65 20.48 -4.83
N ARG A 204 -2.38 21.61 -4.90
CA ARG A 204 -2.77 22.29 -3.67
C ARG A 204 -3.64 21.42 -2.79
N ASP A 205 -4.58 20.69 -3.39
CA ASP A 205 -5.43 19.79 -2.60
C ASP A 205 -4.60 18.64 -2.04
N ALA A 206 -3.59 18.19 -2.77
CA ALA A 206 -2.67 17.13 -2.26
C ALA A 206 -1.96 17.67 -1.01
N VAL A 207 -1.44 18.90 -1.07
CA VAL A 207 -0.80 19.53 0.11
C VAL A 207 -1.74 19.65 1.31
N ILE A 208 -2.99 20.09 1.07
CA ILE A 208 -3.97 20.17 2.14
C ILE A 208 -4.19 18.81 2.80
N ALA A 209 -4.33 17.73 2.01
CA ALA A 209 -4.58 16.41 2.56
C ALA A 209 -3.34 15.90 3.30
N HIS A 210 -2.16 16.05 2.72
CA HIS A 210 -0.95 15.53 3.37
C HIS A 210 -0.59 16.32 4.62
N GLU A 211 -0.94 17.60 4.68
CA GLU A 211 -0.75 18.38 5.91
C GLU A 211 -1.56 17.78 7.02
N GLN A 212 -2.82 17.41 6.75
CA GLN A 212 -3.64 16.72 7.76
C GLN A 212 -3.07 15.35 8.11
N ARG A 213 -2.59 14.63 7.11
CA ARG A 213 -1.96 13.36 7.34
C ARG A 213 -0.78 13.53 8.34
N LEU A 214 0.02 14.55 8.11
CA LEU A 214 1.19 14.82 8.95
C LEU A 214 0.78 15.21 10.35
N LEU A 215 -0.22 16.07 10.50
CA LEU A 215 -0.68 16.44 11.84
C LEU A 215 -1.16 15.22 12.60
N ILE A 216 -1.92 14.34 11.95
CA ILE A 216 -2.45 13.17 12.58
C ILE A 216 -1.33 12.18 12.95
N ALA A 217 -0.35 12.03 12.06
CA ALA A 217 0.80 11.19 12.34
C ALA A 217 1.48 11.65 13.62
N LYS A 218 1.66 12.95 13.75
CA LYS A 218 2.36 13.50 14.95
C LYS A 218 1.53 13.30 16.21
N GLU A 219 0.22 13.49 16.11
CA GLU A 219 -0.70 13.18 17.23
C GLU A 219 -0.53 11.76 17.78
N PHE A 220 -0.22 10.80 16.90
CA PHE A 220 -0.04 9.40 17.28
C PHE A 220 1.42 8.97 17.53
N GLY A 221 2.36 9.88 17.32
CA GLY A 221 3.81 9.52 17.34
C GLY A 221 4.13 8.44 16.30
N ASP A 222 3.42 8.48 15.17
CA ASP A 222 3.57 7.42 14.19
C ASP A 222 4.69 7.87 13.24
N LYS A 223 5.89 7.32 13.42
CA LYS A 223 7.07 7.89 12.73
C LYS A 223 7.06 7.52 11.26
N ALA A 224 6.52 6.36 10.94
CA ALA A 224 6.38 5.93 9.57
C ALA A 224 5.41 6.82 8.81
N ALA A 225 4.27 7.11 9.42
CA ALA A 225 3.27 7.97 8.75
C ALA A 225 3.79 9.38 8.59
N GLU A 226 4.55 9.85 9.57
CA GLU A 226 5.16 11.13 9.49
C GLU A 226 6.09 11.18 8.27
N ARG A 227 6.91 10.16 8.14
CA ARG A 227 7.86 10.10 7.04
CA ARG A 227 7.88 10.08 7.03
C ARG A 227 7.13 10.08 5.68
N ARG A 228 6.08 9.28 5.60
CA ARG A 228 5.30 9.23 4.37
C ARG A 228 4.76 10.60 4.02
N ALA A 229 4.20 11.30 5.00
CA ALA A 229 3.64 12.62 4.75
C ALA A 229 4.69 13.59 4.25
N TYR A 230 5.89 13.58 4.87
CA TYR A 230 6.95 14.45 4.39
C TYR A 230 7.29 14.18 2.94
N SER A 231 7.38 12.92 2.58
CA SER A 231 7.75 12.51 1.23
CA SER A 231 7.75 12.53 1.23
C SER A 231 6.70 13.01 0.24
N ASN A 232 5.45 12.79 0.59
CA ASN A 232 4.35 13.18 -0.30
C ASN A 232 4.20 14.67 -0.39
N LEU A 233 4.46 15.40 0.71
CA LEU A 233 4.48 16.85 0.63
C LEU A 233 5.59 17.32 -0.28
N GLY A 234 6.77 16.75 -0.17
CA GLY A 234 7.85 17.12 -1.06
C GLY A 234 7.46 16.94 -2.50
N ASN A 235 6.84 15.80 -2.81
CA ASN A 235 6.41 15.50 -4.18
C ASN A 235 5.48 16.58 -4.70
N ALA A 236 4.52 16.98 -3.89
CA ALA A 236 3.53 17.96 -4.31
C ALA A 236 4.16 19.33 -4.51
N TYR A 237 5.05 19.71 -3.63
CA TYR A 237 5.70 21.02 -3.77
C TYR A 237 6.62 21.12 -4.99
N ILE A 238 7.21 20.01 -5.43
CA ILE A 238 7.98 20.01 -6.69
C ILE A 238 7.09 20.50 -7.84
N PHE A 239 5.88 19.97 -7.94
CA PHE A 239 4.97 20.28 -9.05
C PHE A 239 4.29 21.64 -8.90
N LEU A 240 4.38 22.21 -7.71
CA LEU A 240 3.98 23.59 -7.48
C LEU A 240 5.11 24.56 -7.78
N GLY A 241 6.28 24.04 -8.11
CA GLY A 241 7.46 24.87 -8.40
C GLY A 241 8.16 25.40 -7.16
N GLU A 242 7.84 24.87 -6.00
CA GLU A 242 8.39 25.33 -4.74
CA GLU A 242 8.40 25.35 -4.77
C GLU A 242 9.52 24.39 -4.33
N PHE A 243 10.65 24.48 -5.02
CA PHE A 243 11.72 23.50 -4.86
C PHE A 243 12.41 23.59 -3.51
N GLU A 244 12.61 24.80 -3.00
CA GLU A 244 13.21 24.94 -1.68
C GLU A 244 12.35 24.26 -0.61
N THR A 245 11.04 24.49 -0.68
CA THR A 245 10.14 23.89 0.29
C THR A 245 10.18 22.35 0.15
N ALA A 246 10.16 21.88 -1.08
CA ALA A 246 10.28 20.42 -1.35
C ALA A 246 11.56 19.87 -0.74
N SER A 247 12.67 20.57 -0.89
CA SER A 247 13.94 20.09 -0.33
C SER A 247 13.87 19.95 1.18
N GLU A 248 13.16 20.87 1.84
CA GLU A 248 13.02 20.82 3.30
CA GLU A 248 13.03 20.81 3.31
C GLU A 248 12.23 19.57 3.73
N TYR A 249 11.15 19.30 3.03
CA TYR A 249 10.38 18.08 3.33
C TYR A 249 11.13 16.77 3.00
N TYR A 250 11.87 16.74 1.90
CA TYR A 250 12.61 15.56 1.56
C TYR A 250 13.75 15.33 2.56
N LYS A 251 14.33 16.41 3.10
CA LYS A 251 15.37 16.26 4.09
C LYS A 251 14.80 15.66 5.36
N LYS A 252 13.58 16.06 5.71
CA LYS A 252 12.91 15.48 6.88
C LYS A 252 12.60 13.98 6.68
N THR A 253 12.21 13.61 5.48
CA THR A 253 12.02 12.21 5.13
CA THR A 253 11.97 12.23 5.20
C THR A 253 13.30 11.45 5.27
N LEU A 254 14.38 12.02 4.74
CA LEU A 254 15.67 11.32 4.72
C LEU A 254 16.22 11.09 6.13
N LEU A 255 15.99 12.04 7.02
CA LEU A 255 16.47 11.90 8.39
C LEU A 255 15.94 10.60 9.00
N LEU A 256 14.67 10.29 8.73
CA LEU A 256 14.06 9.04 9.19
C LEU A 256 14.45 7.85 8.33
N ALA A 257 14.37 8.03 7.00
CA ALA A 257 14.67 6.94 6.09
C ALA A 257 16.02 6.31 6.28
N ARG A 258 17.03 7.09 6.60
CA ARG A 258 18.39 6.56 6.68
C ARG A 258 18.59 5.59 7.86
N GLN A 259 17.62 5.56 8.75
CA GLN A 259 17.66 4.67 9.91
C GLN A 259 16.99 3.33 9.65
N LEU A 260 16.32 3.19 8.52
CA LEU A 260 15.48 2.04 8.28
C LEU A 260 16.25 0.86 7.73
N LYS A 261 15.78 -0.34 8.07
CA LYS A 261 16.33 -1.59 7.49
C LYS A 261 16.05 -1.69 5.98
N ASP A 262 14.90 -1.22 5.56
CA ASP A 262 14.54 -1.19 4.13
C ASP A 262 15.28 0.00 3.46
N ARG A 263 16.37 -0.30 2.77
CA ARG A 263 17.30 0.72 2.24
C ARG A 263 16.70 1.44 1.06
N ALA A 264 15.69 0.85 0.44
CA ALA A 264 15.03 1.49 -0.72
C ALA A 264 14.42 2.86 -0.37
N VAL A 265 13.97 3.00 0.87
CA VAL A 265 13.33 4.23 1.30
C VAL A 265 14.36 5.37 1.27
N GLU A 266 15.53 5.13 1.84
CA GLU A 266 16.60 6.14 1.81
C GLU A 266 16.98 6.42 0.35
N ALA A 267 17.06 5.36 -0.45
CA ALA A 267 17.49 5.53 -1.85
C ALA A 267 16.54 6.47 -2.59
N GLN A 268 15.24 6.23 -2.45
CA GLN A 268 14.27 7.07 -3.15
CA GLN A 268 14.25 7.06 -3.12
C GLN A 268 14.32 8.52 -2.67
N SER A 269 14.51 8.73 -1.37
CA SER A 269 14.55 10.09 -0.87
C SER A 269 15.81 10.80 -1.39
N CYS A 270 16.91 10.07 -1.49
CA CYS A 270 18.14 10.65 -2.06
C CYS A 270 17.95 10.99 -3.53
N TYR A 271 17.29 10.13 -4.28
CA TYR A 271 17.06 10.41 -5.70
C TYR A 271 16.20 11.68 -5.84
N SER A 272 15.14 11.76 -5.05
CA SER A 272 14.29 12.93 -5.06
C SER A 272 15.02 14.21 -4.71
N LEU A 273 15.84 14.13 -3.68
CA LEU A 273 16.67 15.28 -3.29
C LEU A 273 17.65 15.65 -4.40
N GLY A 274 18.28 14.65 -5.00
CA GLY A 274 19.14 14.89 -6.17
C GLY A 274 18.43 15.69 -7.24
N ASN A 275 17.22 15.25 -7.61
CA ASN A 275 16.45 15.98 -8.61
C ASN A 275 16.06 17.37 -8.16
N THR A 276 15.69 17.52 -6.89
CA THR A 276 15.32 18.83 -6.36
C THR A 276 16.49 19.80 -6.48
N TYR A 277 17.68 19.35 -6.14
CA TYR A 277 18.83 20.22 -6.19
C TYR A 277 19.27 20.51 -7.62
N THR A 278 19.02 19.57 -8.53
CA THR A 278 19.17 19.86 -9.96
C THR A 278 18.24 20.99 -10.37
N LEU A 279 16.98 20.92 -9.94
CA LEU A 279 16.00 21.99 -10.26
C LEU A 279 16.39 23.35 -9.61
N LEU A 280 17.08 23.30 -8.47
CA LEU A 280 17.59 24.49 -7.80
C LEU A 280 18.95 24.96 -8.39
N GLN A 281 19.43 24.23 -9.39
CA GLN A 281 20.75 24.43 -10.01
C GLN A 281 21.91 24.43 -9.01
N ASP A 282 21.80 23.58 -7.99
CA ASP A 282 22.89 23.31 -7.11
C ASP A 282 23.41 21.93 -7.44
N TYR A 283 24.25 21.87 -8.46
CA TYR A 283 24.67 20.58 -9.02
C TYR A 283 25.59 19.80 -8.09
N GLU A 284 26.34 20.50 -7.24
CA GLU A 284 27.19 19.79 -6.31
C GLU A 284 26.37 19.01 -5.30
N LYS A 285 25.30 19.64 -4.79
CA LYS A 285 24.40 18.94 -3.86
C LYS A 285 23.68 17.82 -4.58
N ALA A 286 23.24 18.09 -5.81
CA ALA A 286 22.55 17.06 -6.59
C ALA A 286 23.43 15.79 -6.71
N ILE A 287 24.72 15.97 -7.03
CA ILE A 287 25.65 14.86 -7.16
C ILE A 287 25.78 14.09 -5.83
N ASP A 288 25.93 14.81 -4.72
CA ASP A 288 26.03 14.14 -3.42
C ASP A 288 24.87 13.18 -3.17
N TYR A 289 23.66 13.66 -3.42
CA TYR A 289 22.47 12.86 -3.17
C TYR A 289 22.34 11.74 -4.20
N HIS A 290 22.60 12.05 -5.46
CA HIS A 290 22.55 11.03 -6.48
C HIS A 290 23.60 9.90 -6.30
N LEU A 291 24.75 10.23 -5.70
CA LEU A 291 25.77 9.20 -5.44
C LEU A 291 25.29 8.23 -4.36
N LYS A 292 24.55 8.76 -3.37
CA LYS A 292 23.99 7.93 -2.31
C LYS A 292 22.92 6.99 -2.87
N HIS A 293 22.04 7.48 -3.73
CA HIS A 293 21.07 6.62 -4.36
C HIS A 293 21.78 5.57 -5.23
N LEU A 294 22.81 5.98 -5.95
CA LEU A 294 23.52 5.03 -6.80
C LEU A 294 24.08 3.88 -5.98
N ALA A 295 24.73 4.19 -4.86
CA ALA A 295 25.34 3.17 -4.00
C ALA A 295 24.30 2.16 -3.52
N ILE A 296 23.12 2.66 -3.13
CA ILE A 296 22.09 1.77 -2.62
C ILE A 296 21.46 0.95 -3.75
N ALA A 297 21.21 1.59 -4.91
CA ALA A 297 20.64 0.86 -6.05
C ALA A 297 21.57 -0.30 -6.48
N GLN A 298 22.88 -0.08 -6.38
CA GLN A 298 23.87 -1.13 -6.65
C GLN A 298 23.79 -2.24 -5.59
N GLU A 299 23.79 -1.83 -4.33
CA GLU A 299 23.64 -2.77 -3.20
C GLU A 299 22.41 -3.66 -3.38
N LEU A 300 21.31 -3.09 -3.83
CA LEU A 300 20.05 -3.83 -3.99
C LEU A 300 19.87 -4.49 -5.34
N ASN A 301 20.91 -4.45 -6.19
CA ASN A 301 20.81 -4.97 -7.57
C ASN A 301 19.64 -4.44 -8.40
N ASP A 302 19.35 -3.15 -8.26
CA ASP A 302 18.28 -2.49 -9.00
C ASP A 302 18.93 -1.83 -10.20
N ARG A 303 18.92 -2.53 -11.34
CA ARG A 303 19.66 -2.05 -12.50
C ARG A 303 18.98 -0.86 -13.16
N ILE A 304 17.65 -0.84 -13.17
CA ILE A 304 16.91 0.32 -13.68
C ILE A 304 17.27 1.56 -12.87
N GLY A 305 17.18 1.45 -11.55
CA GLY A 305 17.62 2.51 -10.65
C GLY A 305 19.06 2.93 -10.88
N GLU A 306 19.97 1.97 -11.02
CA GLU A 306 21.38 2.27 -11.32
C GLU A 306 21.49 3.06 -12.64
N GLY A 307 20.74 2.66 -13.64
CA GLY A 307 20.77 3.40 -14.91
C GLY A 307 20.30 4.84 -14.79
N ARG A 308 19.24 5.06 -14.04
N ARG A 308 19.22 5.06 -14.05
CA ARG A 308 18.67 6.38 -13.87
CA ARG A 308 18.67 6.41 -13.88
C ARG A 308 19.63 7.25 -13.08
C ARG A 308 19.64 7.26 -13.08
N ALA A 309 20.29 6.64 -12.10
CA ALA A 309 21.36 7.30 -11.32
C ALA A 309 22.49 7.76 -12.24
N CYS A 310 22.93 6.86 -13.14
CA CYS A 310 24.06 7.21 -14.04
C CYS A 310 23.66 8.39 -14.96
N TRP A 311 22.43 8.38 -15.46
CA TRP A 311 21.95 9.51 -16.25
C TRP A 311 21.93 10.80 -15.45
N SER A 312 21.40 10.73 -14.23
CA SER A 312 21.28 11.92 -13.42
C SER A 312 22.67 12.47 -13.02
N LEU A 313 23.58 11.58 -12.70
CA LEU A 313 24.94 11.97 -12.34
C LEU A 313 25.67 12.55 -13.54
N GLY A 314 25.54 11.93 -14.69
CA GLY A 314 26.19 12.47 -15.89
C GLY A 314 25.70 13.85 -16.24
N ASN A 315 24.39 14.06 -16.13
CA ASN A 315 23.81 15.37 -16.40
CA ASN A 315 23.78 15.35 -16.39
C ASN A 315 24.36 16.41 -15.45
N ALA A 316 24.42 16.08 -14.16
CA ALA A 316 24.89 17.04 -13.16
C ALA A 316 26.40 17.34 -13.31
N TYR A 317 27.22 16.31 -13.49
CA TYR A 317 28.64 16.53 -13.74
C TYR A 317 28.87 17.34 -14.99
N THR A 318 28.07 17.12 -16.02
CA THR A 318 28.21 17.91 -17.25
C THR A 318 27.96 19.38 -16.98
N ALA A 319 26.97 19.68 -16.16
CA ALA A 319 26.61 21.06 -15.84
C ALA A 319 27.75 21.77 -15.14
N LEU A 320 28.56 21.01 -14.41
CA LEU A 320 29.73 21.57 -13.69
C LEU A 320 30.99 21.54 -14.52
N GLY A 321 30.93 21.03 -15.74
CA GLY A 321 32.13 20.89 -16.60
C GLY A 321 33.09 19.82 -16.17
N ASN A 322 32.62 18.85 -15.38
CA ASN A 322 33.41 17.71 -15.01
C ASN A 322 33.17 16.61 -16.02
N HIS A 323 33.78 16.73 -17.18
CA HIS A 323 33.56 15.79 -18.25
C HIS A 323 34.15 14.41 -17.96
N ASP A 324 35.20 14.32 -17.13
CA ASP A 324 35.78 13.02 -16.84
C ASP A 324 34.73 12.16 -16.10
N GLN A 325 34.09 12.74 -15.09
CA GLN A 325 33.05 12.01 -14.36
C GLN A 325 31.82 11.85 -15.20
N ALA A 326 31.43 12.88 -15.95
CA ALA A 326 30.23 12.76 -16.78
C ALA A 326 30.37 11.62 -17.75
N MET A 327 31.58 11.46 -18.30
CA MET A 327 31.79 10.43 -19.32
C MET A 327 31.93 9.04 -18.73
N HIS A 328 32.46 8.95 -17.50
CA HIS A 328 32.38 7.72 -16.74
C HIS A 328 30.94 7.25 -16.64
N PHE A 329 30.04 8.15 -16.26
CA PHE A 329 28.66 7.77 -16.08
C PHE A 329 27.93 7.59 -17.42
N ALA A 330 28.38 8.27 -18.48
CA ALA A 330 27.82 8.02 -19.82
C ALA A 330 28.06 6.57 -20.23
N GLU A 331 29.28 6.12 -19.99
CA GLU A 331 29.65 4.74 -20.34
CA GLU A 331 29.65 4.75 -20.36
C GLU A 331 28.79 3.75 -19.61
N LYS A 332 28.60 3.99 -18.31
CA LYS A 332 27.84 3.08 -17.48
C LYS A 332 26.38 3.16 -17.84
N HIS A 333 25.89 4.36 -18.18
CA HIS A 333 24.52 4.50 -18.62
C HIS A 333 24.29 3.72 -19.91
N LEU A 334 25.16 3.88 -20.89
CA LEU A 334 25.07 3.13 -22.15
C LEU A 334 25.05 1.61 -21.90
N GLU A 335 25.95 1.13 -21.05
CA GLU A 335 26.05 -0.30 -20.71
C GLU A 335 24.73 -0.82 -20.10
N ILE A 336 24.23 -0.10 -19.11
CA ILE A 336 23.01 -0.51 -18.43
C ILE A 336 21.81 -0.40 -19.37
N SER A 337 21.81 0.64 -20.19
CA SER A 337 20.74 0.88 -21.13
C SER A 337 20.61 -0.27 -22.15
N ARG A 338 21.75 -0.77 -22.63
CA ARG A 338 21.74 -1.95 -23.51
C ARG A 338 21.19 -3.18 -22.77
N GLU A 339 21.70 -3.40 -21.55
CA GLU A 339 21.24 -4.52 -20.69
C GLU A 339 19.72 -4.48 -20.50
N VAL A 340 19.19 -3.30 -20.17
CA VAL A 340 17.74 -3.07 -20.06
C VAL A 340 17.20 -2.51 -21.39
N GLY A 341 17.63 -3.11 -22.50
CA GLY A 341 17.31 -2.59 -23.83
C GLY A 341 15.88 -2.89 -24.24
N GLN B 16 15.32 17.50 -19.01
CA GLN B 16 16.64 17.13 -18.42
C GLN B 16 16.50 16.02 -17.37
N LEU B 17 15.45 16.12 -16.55
CA LEU B 17 15.29 15.26 -15.36
C LEU B 17 14.51 13.98 -15.63
N LEU B 18 14.95 12.88 -15.02
CA LEU B 18 14.14 11.68 -14.93
C LEU B 18 13.49 11.65 -13.54
N HIS B 19 12.24 12.08 -13.46
CA HIS B 19 11.49 12.01 -12.20
C HIS B 19 11.13 10.56 -11.89
N SER B 20 11.17 10.20 -10.61
CA SER B 20 10.78 8.84 -10.18
C SER B 20 9.27 8.76 -9.94
N ASP B 21 8.73 7.55 -10.03
CA ASP B 21 7.29 7.32 -9.90
C ASP B 21 6.87 6.96 -8.48
N HIS B 22 7.72 7.29 -7.51
CA HIS B 22 7.50 6.84 -6.15
C HIS B 22 6.60 7.76 -5.37
N MET B 23 5.57 7.18 -4.74
CA MET B 23 4.91 7.84 -3.66
C MET B 23 4.49 6.83 -2.60
N GLU B 24 4.20 7.36 -1.43
CA GLU B 24 4.07 6.55 -0.23
C GLU B 24 2.57 6.44 0.08
N MET B 25 1.97 5.29 -0.26
CA MET B 25 0.55 5.03 0.04
C MET B 25 0.38 4.46 1.44
N GLU B 26 -0.84 4.51 1.93
CA GLU B 26 -1.14 4.18 3.34
C GLU B 26 -1.36 2.69 3.47
N PRO B 27 -1.33 2.19 4.72
CA PRO B 27 -1.53 0.77 4.89
C PRO B 27 -2.87 0.32 4.40
N GLU B 28 -2.88 -0.89 3.89
CA GLU B 28 -4.08 -1.58 3.41
C GLU B 28 -4.56 -2.52 4.48
N THR B 29 -5.84 -2.90 4.37
CA THR B 29 -6.47 -3.72 5.36
C THR B 29 -6.89 -5.04 4.75
N MET B 30 -7.08 -5.99 5.62
CA MET B 30 -7.97 -7.12 5.32
C MET B 30 -8.98 -7.26 6.46
N GLU B 31 -10.08 -7.97 6.19
CA GLU B 31 -11.05 -8.30 7.21
C GLU B 31 -10.64 -9.59 7.93
N THR B 32 -10.83 -9.60 9.25
CA THR B 32 -10.33 -10.68 10.05
CA THR B 32 -10.33 -10.63 10.17
C THR B 32 -11.46 -11.42 10.78
N LYS B 33 -11.29 -12.73 10.85
CA LYS B 33 -12.13 -13.61 11.63
C LYS B 33 -11.23 -14.36 12.61
N SER B 34 -11.82 -14.87 13.67
CA SER B 34 -11.06 -15.62 14.65
C SER B 34 -11.93 -16.75 15.18
N VAL B 35 -11.30 -17.90 15.46
CA VAL B 35 -12.01 -18.98 16.14
C VAL B 35 -12.40 -18.61 17.58
N THR B 36 -11.83 -17.54 18.12
CA THR B 36 -12.23 -17.06 19.44
C THR B 36 -13.64 -16.48 19.46
N ASP B 37 -14.26 -16.32 18.28
CA ASP B 37 -15.64 -15.91 18.23
C ASP B 37 -16.65 -17.07 18.30
N TYR B 38 -16.18 -18.21 18.78
CA TYR B 38 -17.00 -19.38 19.03
C TYR B 38 -18.34 -19.09 19.69
N PHE B 39 -18.36 -18.25 20.70
CA PHE B 39 -19.60 -18.03 21.48
C PHE B 39 -20.53 -16.98 20.87
N SER B 40 -20.19 -16.46 19.69
CA SER B 40 -21.04 -15.43 19.01
C SER B 40 -22.34 -16.05 18.49
N LYS B 41 -23.41 -15.25 18.44
CA LYS B 41 -24.72 -15.70 17.92
C LYS B 41 -24.91 -15.28 16.46
S SCN C . -18.88 -11.16 -3.73
C SCN C . -18.63 -12.42 -4.53
N SCN C . -18.40 -13.38 -5.15
S SCN D . -9.70 -9.83 -15.28
C SCN D . -8.91 -8.58 -15.21
N SCN D . -8.28 -7.61 -15.17
S SCN E . -10.93 16.66 1.98
C SCN E . -9.45 16.86 2.11
N SCN E . -8.31 17.05 2.25
S SCN F . 10.15 6.27 9.78
C SCN F . 9.86 4.95 10.47
N SCN F . 9.65 3.93 11.01
S SCN G . 19.05 2.84 4.97
C SCN G . 19.48 2.36 6.32
N SCN G . 19.79 1.97 7.37
S SCN H . -23.29 2.72 -2.80
C SCN H . -23.57 4.19 -2.98
N SCN H . -23.78 5.33 -3.10
S SCN I . -4.84 -16.71 21.52
C SCN I . -5.39 -16.23 20.19
N SCN I . -5.83 -15.85 19.16
C1 PEG J . -2.31 1.82 -5.89
O1 PEG J . -1.36 1.35 -6.83
C2 PEG J . -2.63 0.79 -4.80
O2 PEG J . -3.94 1.03 -4.27
C3 PEG J . -4.04 2.21 -3.52
C4 PEG J . -3.39 1.98 -2.18
O4 PEG J . -3.93 0.77 -1.60
C1 PEG K . -1.60 0.91 -20.61
O1 PEG K . -1.45 0.58 -19.23
C2 PEG K . -2.77 0.10 -21.18
O2 PEG K . -4.02 0.53 -20.58
C3 PEG K . -4.98 1.07 -21.50
C4 PEG K . -4.79 2.58 -21.70
O4 PEG K . -4.89 2.87 -23.10
C1 PEG L . 16.29 7.87 -19.81
O1 PEG L . 16.55 9.15 -20.39
C2 PEG L . 17.63 7.16 -19.59
O2 PEG L . 17.68 6.50 -18.33
C3 PEG L . 16.82 5.35 -18.24
C4 PEG L . 17.45 4.26 -17.38
O4 PEG L . 18.11 3.29 -18.20
C1 PEG M . -17.97 5.73 -10.03
O1 PEG M . -17.99 4.90 -8.84
C2 PEG M . -17.52 4.92 -11.24
O2 PEG M . -16.51 5.62 -11.98
C3 PEG M . -15.88 4.80 -12.98
C4 PEG M . -14.38 5.10 -13.05
O4 PEG M . -13.59 3.99 -13.55
C1 PEG N . 14.60 5.88 -8.61
O1 PEG N . 14.94 6.23 -9.95
C2 PEG N . 14.95 4.41 -8.38
O2 PEG N . 15.59 4.23 -7.12
C3 PEG N . 15.97 2.86 -6.87
C4 PEG N . 16.50 2.69 -5.45
O4 PEG N . 16.70 1.30 -5.15
C1 PGE O . 8.26 -23.27 6.24
O1 PGE O . 7.41 -22.75 5.20
C2 PGE O . 8.52 -22.24 7.33
O2 PGE O . 7.62 -22.50 8.42
C3 PGE O . 7.94 -21.74 9.59
C4 PGE O . 7.68 -22.59 10.84
O4 PGE O . 4.76 -26.00 12.38
C6 PGE O . 5.71 -25.66 11.37
C5 PGE O . 6.25 -24.26 11.67
O3 PGE O . 6.94 -23.76 10.52
C1 EDO P . 1.85 14.53 -10.83
O1 EDO P . 0.65 14.45 -11.59
C2 EDO P . 2.81 13.42 -11.22
O2 EDO P . 2.18 12.50 -12.11
C1 EDO Q . -15.33 -22.64 -2.70
O1 EDO Q . -14.89 -22.67 -4.07
C2 EDO Q . -16.34 -23.73 -2.43
O2 EDO Q . -16.22 -24.14 -1.07
C1 EDO R . 8.06 23.85 5.84
O1 EDO R . 9.09 23.75 4.82
C2 EDO R . 8.50 23.06 7.07
O2 EDO R . 9.37 21.99 6.68
C1 EDO S . -13.26 1.05 -17.88
O1 EDO S . -12.32 1.64 -16.98
C2 EDO S . -14.57 0.71 -17.16
O2 EDO S . -15.59 0.43 -18.12
C1 EDO T . 27.41 23.75 -7.56
O1 EDO T . 26.79 23.17 -6.42
C2 EDO T . 26.53 24.86 -8.07
O2 EDO T . 25.76 24.34 -9.15
C1 EDO U . -17.63 -10.36 -9.45
O1 EDO U . -17.78 -11.52 -10.27
C2 EDO U . -16.97 -10.77 -8.15
O2 EDO U . -16.56 -12.16 -8.20
#